data_2FN7
#
_entry.id   2FN7
#
_cell.length_a   95.470
_cell.length_b   95.470
_cell.length_c   186.040
_cell.angle_alpha   90.00
_cell.angle_beta   90.00
_cell.angle_gamma   120.00
#
_symmetry.space_group_name_H-M   'P 32 2 1'
#
loop_
_entity.id
_entity.type
_entity.pdbx_description
1 polymer 'Lactate Dehydrogenase'
2 non-polymer NICOTINAMIDE-ADENINE-DINUCLEOTIDE
3 non-polymer 'LACTIC ACID'
4 non-polymer GLYCEROL
5 water water
#
_entity_poly.entity_id   1
_entity_poly.type   'polypeptide(L)'
_entity_poly.pdbx_seq_one_letter_code
;MIERRKIAVIGSGQIGGNIAYIVGKDNLADVVLFDIAEGIPQGKALDITHSMVMFGSTSKVIGTNDYADISGSDVVIITA
SIPGRPKDDRSELLFGNARILDSVAEGVKKYCPNAFVICITNPLDVMVSHFQKVSGLPHNKVCGMAGVLDSSRFRTFIAQ
HFGVNASDVSANVIGGHGDGMVPATSSVSVGGVPLSSFIKQGLITQEQIDEIVCHTRIAWKEVADNLKTGTAYFAPAAAA
VKMAEAYLKDKKAVVPCSAFCSNHYGVKGIYMGVPTIIGKNGVEDILELDLTPLEQKLLGESINEVNTISKVLDNAPAAG
A
;
_entity_poly.pdbx_strand_id   A,B
#
# COMPACT_ATOMS: atom_id res chain seq x y z
N MET A 1 -11.31 30.50 -5.06
CA MET A 1 -11.78 29.67 -3.92
C MET A 1 -11.14 28.26 -3.96
N ILE A 2 -10.08 28.08 -3.19
CA ILE A 2 -9.40 26.81 -3.11
C ILE A 2 -10.42 25.70 -2.81
N GLU A 3 -10.36 24.64 -3.59
CA GLU A 3 -11.20 23.45 -3.40
C GLU A 3 -10.16 22.31 -3.35
N ARG A 4 -10.36 21.34 -2.49
CA ARG A 4 -9.49 20.19 -2.41
C ARG A 4 -9.55 19.44 -3.75
N ARG A 5 -8.43 18.84 -4.15
CA ARG A 5 -8.41 18.06 -5.38
C ARG A 5 -9.12 16.76 -5.04
N LYS A 6 -9.70 16.17 -6.06
CA LYS A 6 -10.47 14.97 -5.81
C LYS A 6 -10.22 13.90 -6.82
N ILE A 7 -9.92 12.69 -6.37
CA ILE A 7 -9.72 11.64 -7.35
C ILE A 7 -10.74 10.53 -7.18
N ALA A 8 -11.42 10.10 -8.24
CA ALA A 8 -12.32 8.98 -8.10
C ALA A 8 -11.69 7.72 -8.64
N VAL A 9 -11.68 6.67 -7.83
CA VAL A 9 -11.17 5.39 -8.19
C VAL A 9 -12.38 4.42 -8.39
N ILE A 10 -12.68 4.10 -9.64
CA ILE A 10 -13.73 3.20 -10.01
C ILE A 10 -13.20 1.79 -10.06
N GLY A 11 -13.55 1.05 -9.03
CA GLY A 11 -13.08 -0.31 -8.85
C GLY A 11 -12.18 -0.27 -7.64
N SER A 12 -12.56 -0.97 -6.57
CA SER A 12 -11.82 -0.96 -5.34
C SER A 12 -11.25 -2.27 -4.94
N GLY A 13 -10.83 -3.04 -5.94
CA GLY A 13 -10.17 -4.28 -5.61
C GLY A 13 -8.70 -4.01 -5.27
N GLN A 14 -7.83 -4.90 -5.71
CA GLN A 14 -6.38 -4.84 -5.36
C GLN A 14 -5.71 -3.54 -5.74
N ILE A 15 -5.78 -3.14 -7.00
CA ILE A 15 -5.12 -1.91 -7.41
C ILE A 15 -5.79 -0.69 -6.84
N GLY A 16 -7.14 -0.62 -7.01
CA GLY A 16 -7.93 0.50 -6.49
C GLY A 16 -7.68 0.91 -5.04
N GLY A 17 -7.58 -0.09 -4.18
CA GLY A 17 -7.34 0.12 -2.76
C GLY A 17 -5.95 0.70 -2.52
N ASN A 18 -4.95 0.12 -3.19
CA ASN A 18 -3.60 0.72 -3.05
C ASN A 18 -3.57 2.09 -3.67
N ILE A 19 -4.33 2.37 -4.73
CA ILE A 19 -4.25 3.75 -5.24
C ILE A 19 -4.69 4.72 -4.13
N ALA A 20 -5.84 4.41 -3.52
CA ALA A 20 -6.42 5.23 -2.42
C ALA A 20 -5.47 5.46 -1.32
N TYR A 21 -4.85 4.37 -0.90
CA TYR A 21 -3.88 4.37 0.18
C TYR A 21 -2.66 5.31 -0.14
N ILE A 22 -2.10 5.17 -1.34
CA ILE A 22 -0.94 6.01 -1.75
C ILE A 22 -1.33 7.44 -1.92
N VAL A 23 -2.47 7.70 -2.61
CA VAL A 23 -2.91 9.06 -2.80
C VAL A 23 -3.15 9.70 -1.44
N GLY A 24 -3.72 8.94 -0.50
CA GLY A 24 -3.98 9.57 0.80
C GLY A 24 -2.69 9.77 1.54
N LYS A 25 -1.82 8.74 1.56
CA LYS A 25 -0.53 8.91 2.21
C LYS A 25 0.16 10.15 1.65
N ASP A 26 0.16 10.36 0.34
CA ASP A 26 0.86 11.58 -0.16
C ASP A 26 0.02 12.87 -0.01
N ASN A 27 -1.19 12.76 0.55
CA ASN A 27 -2.01 13.98 0.60
C ASN A 27 -2.13 14.72 -0.79
N LEU A 28 -2.22 13.93 -1.85
CA LEU A 28 -2.34 14.43 -3.23
C LEU A 28 -3.76 14.91 -3.53
N ALA A 29 -4.78 14.27 -2.91
CA ALA A 29 -6.18 14.61 -3.18
C ALA A 29 -7.10 13.87 -2.21
N ASP A 30 -8.38 14.24 -2.28
CA ASP A 30 -9.33 13.44 -1.54
C ASP A 30 -9.68 12.33 -2.51
N VAL A 31 -10.06 11.20 -1.95
CA VAL A 31 -10.33 10.07 -2.79
C VAL A 31 -11.75 9.53 -2.63
N VAL A 32 -12.37 9.14 -3.75
CA VAL A 32 -13.68 8.50 -3.70
C VAL A 32 -13.49 7.12 -4.29
N LEU A 33 -13.60 6.10 -3.45
CA LEU A 33 -13.40 4.70 -3.81
C LEU A 33 -14.82 4.09 -4.08
N PHE A 34 -15.07 3.86 -5.36
CA PHE A 34 -16.33 3.35 -5.92
C PHE A 34 -16.29 1.88 -6.35
N ASP A 35 -17.25 1.10 -5.88
CA ASP A 35 -17.33 -0.26 -6.32
C ASP A 35 -18.81 -0.69 -6.29
N ILE A 36 -19.17 -1.73 -7.02
CA ILE A 36 -20.57 -2.18 -6.98
C ILE A 36 -20.68 -3.27 -5.94
N ALA A 37 -19.55 -3.78 -5.45
CA ALA A 37 -19.58 -4.81 -4.42
C ALA A 37 -19.79 -4.19 -3.04
N GLU A 38 -20.84 -4.67 -2.39
CA GLU A 38 -21.30 -4.21 -1.10
C GLU A 38 -20.20 -4.29 -0.05
N GLY A 39 -20.03 -3.23 0.70
CA GLY A 39 -19.02 -3.28 1.74
C GLY A 39 -17.53 -3.05 1.38
N ILE A 40 -17.04 -3.55 0.23
CA ILE A 40 -15.60 -3.44 -0.07
C ILE A 40 -15.07 -2.01 -0.08
N PRO A 41 -15.60 -1.16 -0.92
CA PRO A 41 -14.99 0.17 -0.84
C PRO A 41 -15.13 0.80 0.58
N GLN A 42 -16.33 0.68 1.17
CA GLN A 42 -16.51 1.23 2.50
C GLN A 42 -15.52 0.74 3.53
N GLY A 43 -15.24 -0.52 3.56
CA GLY A 43 -14.28 -0.93 4.58
C GLY A 43 -12.82 -0.53 4.30
N LYS A 44 -12.45 -0.56 3.00
CA LYS A 44 -11.11 -0.14 2.60
C LYS A 44 -10.97 1.35 2.92
N ALA A 45 -11.98 2.16 2.61
CA ALA A 45 -11.85 3.59 2.92
C ALA A 45 -11.73 3.86 4.44
N LEU A 46 -12.48 3.11 5.24
CA LEU A 46 -12.40 3.32 6.68
C LEU A 46 -11.04 2.92 7.16
N ASP A 47 -10.59 1.76 6.76
CA ASP A 47 -9.24 1.31 7.19
C ASP A 47 -8.21 2.40 6.75
N ILE A 48 -8.29 2.89 5.50
CA ILE A 48 -7.26 3.89 5.02
C ILE A 48 -7.43 5.22 5.80
N THR A 49 -8.69 5.63 6.01
CA THR A 49 -8.96 6.82 6.82
C THR A 49 -8.19 6.74 8.14
N HIS A 50 -8.18 5.59 8.80
CA HIS A 50 -7.41 5.44 10.07
C HIS A 50 -5.87 5.63 9.90
N SER A 51 -5.32 5.29 8.71
CA SER A 51 -3.88 5.47 8.55
C SER A 51 -3.58 6.92 8.25
N MET A 52 -4.57 7.76 7.91
CA MET A 52 -4.26 9.14 7.57
C MET A 52 -3.51 9.90 8.64
N VAL A 53 -4.03 9.93 9.88
CA VAL A 53 -3.31 10.62 10.94
C VAL A 53 -1.90 10.00 11.09
N MET A 54 -1.71 8.73 10.75
CA MET A 54 -0.35 8.20 10.95
C MET A 54 0.66 8.80 9.94
N PHE A 55 0.17 9.11 8.74
CA PHE A 55 0.98 9.66 7.64
C PHE A 55 1.01 11.21 7.71
N GLY A 56 0.30 11.83 8.64
CA GLY A 56 0.26 13.27 8.67
C GLY A 56 -0.65 13.81 7.55
N SER A 57 -1.49 13.01 6.92
CA SER A 57 -2.32 13.57 5.82
C SER A 57 -3.74 13.92 6.28
N THR A 58 -4.35 14.95 5.70
CA THR A 58 -5.67 15.34 6.04
C THR A 58 -6.56 14.94 4.88
N SER A 59 -6.06 14.11 3.97
CA SER A 59 -6.94 13.65 2.88
C SER A 59 -8.09 12.85 3.46
N LYS A 60 -9.22 12.98 2.82
CA LYS A 60 -10.46 12.29 3.08
C LYS A 60 -10.62 11.15 2.11
N VAL A 61 -10.95 9.99 2.65
CA VAL A 61 -11.10 8.85 1.78
C VAL A 61 -12.44 8.21 2.17
N ILE A 62 -13.39 8.17 1.22
CA ILE A 62 -14.66 7.51 1.47
C ILE A 62 -14.97 6.46 0.41
N GLY A 63 -15.79 5.48 0.84
CA GLY A 63 -16.27 4.35 0.06
C GLY A 63 -17.71 4.55 -0.36
N THR A 64 -18.06 4.15 -1.59
CA THR A 64 -19.39 4.39 -2.12
C THR A 64 -19.80 3.43 -3.26
N ASN A 65 -21.11 3.37 -3.55
CA ASN A 65 -21.60 2.57 -4.67
C ASN A 65 -22.49 3.44 -5.47
N ASP A 66 -22.34 4.74 -5.27
CA ASP A 66 -23.19 5.71 -5.92
C ASP A 66 -22.42 6.63 -6.88
N TYR A 67 -22.69 6.55 -8.16
CA TYR A 67 -21.92 7.44 -9.02
C TYR A 67 -22.04 8.88 -8.63
N ALA A 68 -23.14 9.25 -7.94
CA ALA A 68 -23.32 10.66 -7.66
C ALA A 68 -22.13 11.24 -6.86
N ASP A 69 -21.51 10.37 -6.08
CA ASP A 69 -20.40 10.78 -5.25
C ASP A 69 -19.09 11.13 -6.01
N ILE A 70 -18.99 10.81 -7.30
CA ILE A 70 -17.79 11.19 -8.05
C ILE A 70 -17.99 12.53 -8.76
N SER A 71 -19.06 13.24 -8.52
CA SER A 71 -19.17 14.50 -9.21
C SER A 71 -18.05 15.47 -8.78
N GLY A 72 -17.66 16.37 -9.69
CA GLY A 72 -16.56 17.27 -9.35
C GLY A 72 -15.18 16.58 -9.29
N SER A 73 -15.07 15.26 -9.51
CA SER A 73 -13.75 14.65 -9.52
C SER A 73 -12.84 15.28 -10.59
N ASP A 74 -11.62 15.59 -10.17
CA ASP A 74 -10.64 16.14 -11.11
C ASP A 74 -10.04 15.01 -11.93
N VAL A 75 -9.94 13.82 -11.35
CA VAL A 75 -9.32 12.71 -12.06
C VAL A 75 -10.13 11.47 -11.77
N VAL A 76 -10.36 10.62 -12.78
CA VAL A 76 -11.04 9.38 -12.54
C VAL A 76 -10.08 8.28 -12.97
N ILE A 77 -9.79 7.33 -12.08
CA ILE A 77 -8.91 6.20 -12.39
C ILE A 77 -9.83 4.97 -12.43
N ILE A 78 -9.90 4.32 -13.59
CA ILE A 78 -10.74 3.16 -13.76
C ILE A 78 -10.01 1.81 -13.65
N THR A 79 -10.28 1.08 -12.58
CA THR A 79 -9.68 -0.22 -12.40
C THR A 79 -10.70 -1.37 -12.46
N ALA A 80 -11.97 -1.04 -12.57
CA ALA A 80 -13.10 -1.98 -12.55
C ALA A 80 -12.93 -3.06 -13.54
N SER A 81 -13.11 -4.29 -13.12
CA SER A 81 -12.94 -5.39 -14.04
C SER A 81 -13.72 -6.71 -13.64
N ILE A 82 -14.01 -7.60 -14.60
CA ILE A 82 -14.60 -8.90 -14.25
C ILE A 82 -13.57 -9.65 -13.43
N PRO A 83 -14.02 -10.62 -12.61
CA PRO A 83 -13.06 -11.35 -11.77
C PRO A 83 -12.16 -12.38 -12.38
N GLY A 84 -11.03 -12.67 -11.72
CA GLY A 84 -10.13 -13.67 -12.23
C GLY A 84 -9.01 -13.17 -13.12
N ARG A 85 -7.83 -13.71 -12.91
CA ARG A 85 -6.66 -13.33 -13.73
C ARG A 85 -6.71 -14.00 -15.09
N PRO A 86 -6.12 -13.35 -16.09
CA PRO A 86 -6.05 -13.89 -17.47
C PRO A 86 -5.16 -15.10 -17.37
N LYS A 87 -5.49 -16.13 -18.13
CA LYS A 87 -4.69 -17.35 -18.08
C LYS A 87 -3.44 -17.16 -18.96
N ASP A 88 -3.62 -16.69 -20.21
CA ASP A 88 -2.44 -16.55 -21.10
C ASP A 88 -2.29 -15.16 -21.72
N ASP A 89 -3.41 -14.48 -21.96
CA ASP A 89 -3.39 -13.20 -22.61
C ASP A 89 -4.40 -12.21 -22.02
N ARG A 90 -3.94 -10.99 -21.76
CA ARG A 90 -4.80 -9.97 -21.22
C ARG A 90 -6.07 -9.83 -22.01
N SER A 91 -6.13 -10.33 -23.24
CA SER A 91 -7.33 -10.24 -24.06
C SER A 91 -8.57 -11.03 -23.61
N GLU A 92 -8.34 -12.11 -22.88
CA GLU A 92 -9.40 -12.92 -22.38
C GLU A 92 -10.45 -12.11 -21.60
N LEU A 93 -10.11 -10.94 -21.07
CA LEU A 93 -11.07 -10.14 -20.33
C LEU A 93 -11.76 -9.17 -21.21
N LEU A 94 -11.47 -9.21 -22.50
CA LEU A 94 -12.05 -8.22 -23.40
C LEU A 94 -13.60 -7.94 -23.35
N PHE A 95 -14.39 -9.01 -23.49
CA PHE A 95 -15.84 -8.85 -23.57
C PHE A 95 -16.45 -8.36 -22.29
N GLY A 96 -16.06 -8.97 -21.20
CA GLY A 96 -16.63 -8.52 -19.96
C GLY A 96 -16.21 -7.11 -19.61
N ASN A 97 -14.94 -6.74 -19.84
CA ASN A 97 -14.57 -5.41 -19.40
C ASN A 97 -15.05 -4.32 -20.29
N ALA A 98 -15.32 -4.64 -21.54
CA ALA A 98 -15.84 -3.58 -22.39
C ALA A 98 -17.26 -3.23 -21.84
N ARG A 99 -18.02 -4.25 -21.37
CA ARG A 99 -19.41 -3.96 -20.87
C ARG A 99 -19.34 -3.08 -19.61
N ILE A 100 -18.45 -3.45 -18.69
CA ILE A 100 -18.27 -2.62 -17.50
C ILE A 100 -17.94 -1.19 -17.88
N LEU A 101 -17.05 -0.98 -18.86
CA LEU A 101 -16.66 0.40 -19.22
C LEU A 101 -17.79 1.21 -19.77
N ASP A 102 -18.72 0.52 -20.43
CA ASP A 102 -19.91 1.21 -20.96
C ASP A 102 -20.61 1.83 -19.77
N SER A 103 -20.76 1.03 -18.73
CA SER A 103 -21.42 1.55 -17.56
C SER A 103 -20.58 2.68 -16.91
N VAL A 104 -19.26 2.47 -16.74
CA VAL A 104 -18.46 3.54 -16.12
C VAL A 104 -18.51 4.82 -16.96
N ALA A 105 -18.54 4.63 -18.26
CA ALA A 105 -18.60 5.77 -19.15
C ALA A 105 -19.87 6.58 -18.89
N GLU A 106 -20.98 5.91 -18.55
CA GLU A 106 -22.20 6.70 -18.33
C GLU A 106 -22.07 7.47 -17.05
N GLY A 107 -21.55 6.84 -16.00
CA GLY A 107 -21.41 7.58 -14.75
C GLY A 107 -20.55 8.81 -14.90
N VAL A 108 -19.46 8.69 -15.65
CA VAL A 108 -18.51 9.82 -15.79
C VAL A 108 -19.10 10.98 -16.51
N LYS A 109 -19.68 10.65 -17.66
CA LYS A 109 -20.30 11.61 -18.59
C LYS A 109 -21.34 12.45 -17.92
N LYS A 110 -22.03 11.84 -16.98
CA LYS A 110 -23.07 12.52 -16.24
C LYS A 110 -22.51 13.19 -14.99
N TYR A 111 -21.59 12.59 -14.28
CA TYR A 111 -21.17 13.31 -13.08
C TYR A 111 -19.87 14.08 -13.07
N CYS A 112 -18.94 13.75 -13.97
CA CYS A 112 -17.68 14.47 -14.00
C CYS A 112 -17.08 14.44 -15.36
N PRO A 113 -17.82 14.97 -16.36
CA PRO A 113 -17.35 15.00 -17.75
C PRO A 113 -16.08 15.83 -17.98
N ASN A 114 -15.67 16.69 -17.05
CA ASN A 114 -14.43 17.46 -17.31
C ASN A 114 -13.21 16.82 -16.64
N ALA A 115 -13.40 15.64 -16.10
CA ALA A 115 -12.28 14.95 -15.48
C ALA A 115 -11.21 14.42 -16.46
N PHE A 116 -9.98 14.26 -15.94
CA PHE A 116 -8.87 13.63 -16.71
C PHE A 116 -9.08 12.15 -16.39
N VAL A 117 -9.31 11.31 -17.39
CA VAL A 117 -9.51 9.91 -17.08
C VAL A 117 -8.30 9.03 -17.37
N ILE A 118 -7.93 8.19 -16.42
CA ILE A 118 -6.81 7.28 -16.62
C ILE A 118 -7.36 5.85 -16.51
N CYS A 119 -7.32 5.08 -17.61
CA CYS A 119 -7.79 3.71 -17.58
C CYS A 119 -6.68 2.77 -17.18
N ILE A 120 -7.04 1.71 -16.48
CA ILE A 120 -6.09 0.68 -16.05
C ILE A 120 -6.60 -0.70 -16.44
N THR A 121 -7.92 -0.77 -16.58
CA THR A 121 -8.64 -1.98 -16.94
C THR A 121 -8.04 -2.63 -18.24
N ASN A 122 -7.67 -3.91 -18.16
CA ASN A 122 -7.17 -4.69 -19.32
C ASN A 122 -8.30 -5.18 -20.22
N PRO A 123 -8.05 -5.43 -21.53
CA PRO A 123 -6.76 -5.25 -22.24
C PRO A 123 -6.68 -3.75 -22.50
N LEU A 124 -5.73 -3.16 -21.80
CA LEU A 124 -5.56 -1.72 -21.78
C LEU A 124 -5.79 -0.81 -22.99
N ASP A 125 -5.01 -0.96 -24.06
CA ASP A 125 -5.16 -0.02 -25.24
C ASP A 125 -6.56 -0.05 -25.83
N VAL A 126 -7.10 -1.24 -26.00
CA VAL A 126 -8.48 -1.36 -26.52
C VAL A 126 -9.52 -0.81 -25.51
N MET A 127 -9.37 -1.11 -24.21
CA MET A 127 -10.32 -0.52 -23.21
C MET A 127 -10.33 1.00 -23.25
N VAL A 128 -9.14 1.61 -23.30
CA VAL A 128 -9.06 3.07 -23.34
C VAL A 128 -9.77 3.60 -24.59
N SER A 129 -9.52 2.92 -25.70
CA SER A 129 -10.15 3.33 -26.98
C SER A 129 -11.72 3.21 -26.89
N HIS A 130 -12.18 2.12 -26.32
CA HIS A 130 -13.60 1.87 -26.12
C HIS A 130 -14.17 2.94 -25.20
N PHE A 131 -13.50 3.18 -24.06
CA PHE A 131 -13.99 4.19 -23.12
C PHE A 131 -14.17 5.56 -23.75
N GLN A 132 -13.17 5.97 -24.52
CA GLN A 132 -13.21 7.29 -25.13
C GLN A 132 -14.32 7.36 -26.14
N LYS A 133 -14.54 6.26 -26.86
CA LYS A 133 -15.62 6.26 -27.84
C LYS A 133 -17.01 6.32 -27.16
N VAL A 134 -17.29 5.43 -26.21
CA VAL A 134 -18.62 5.51 -25.65
C VAL A 134 -18.84 6.65 -24.71
N SER A 135 -17.81 7.30 -24.16
CA SER A 135 -18.07 8.41 -23.22
C SER A 135 -18.11 9.75 -23.92
N GLY A 136 -17.48 9.83 -25.10
CA GLY A 136 -17.47 11.09 -25.80
C GLY A 136 -16.49 12.08 -25.21
N LEU A 137 -15.66 11.71 -24.24
CA LEU A 137 -14.72 12.75 -23.75
C LEU A 137 -13.57 13.08 -24.74
N PRO A 138 -12.99 14.28 -24.65
CA PRO A 138 -11.88 14.67 -25.54
C PRO A 138 -10.75 13.66 -25.47
N HIS A 139 -10.18 13.30 -26.62
CA HIS A 139 -9.07 12.36 -26.68
C HIS A 139 -7.93 12.66 -25.69
N ASN A 140 -7.61 13.92 -25.46
CA ASN A 140 -6.50 14.34 -24.65
C ASN A 140 -6.85 14.26 -23.13
N LYS A 141 -8.09 13.93 -22.80
CA LYS A 141 -8.51 13.82 -21.43
C LYS A 141 -8.75 12.34 -21.08
N VAL A 142 -8.40 11.44 -22.00
CA VAL A 142 -8.57 10.05 -21.72
C VAL A 142 -7.32 9.32 -22.16
N CYS A 143 -6.69 8.57 -21.27
CA CYS A 143 -5.50 7.88 -21.64
C CYS A 143 -5.46 6.61 -20.79
N GLY A 144 -4.54 5.72 -21.11
CA GLY A 144 -4.40 4.49 -20.36
C GLY A 144 -3.06 4.37 -19.64
N MET A 145 -3.06 3.80 -18.44
CA MET A 145 -1.79 3.58 -17.74
C MET A 145 -1.23 2.23 -18.16
N ALA A 146 0.02 2.22 -18.66
CA ALA A 146 0.65 0.95 -19.02
C ALA A 146 2.15 1.15 -19.20
N GLY A 147 2.48 2.16 -20.00
CA GLY A 147 3.86 2.47 -20.32
C GLY A 147 4.72 2.66 -19.10
N VAL A 148 4.23 3.46 -18.14
CA VAL A 148 4.95 3.69 -16.88
C VAL A 148 5.23 2.38 -16.19
N LEU A 149 4.32 1.43 -16.27
CA LEU A 149 4.62 0.13 -15.61
C LEU A 149 5.61 -0.77 -16.45
N ASP A 150 5.41 -0.75 -17.78
CA ASP A 150 6.27 -1.53 -18.65
C ASP A 150 7.71 -0.92 -18.62
N SER A 151 7.79 0.40 -18.67
CA SER A 151 9.07 1.07 -18.63
C SER A 151 9.72 0.94 -17.27
N SER A 152 8.94 0.95 -16.16
CA SER A 152 9.58 0.83 -14.86
C SER A 152 10.19 -0.56 -14.75
N ARG A 153 9.47 -1.51 -15.31
CA ARG A 153 9.96 -2.87 -15.31
C ARG A 153 11.28 -2.98 -16.19
N PHE A 154 11.30 -2.35 -17.37
CA PHE A 154 12.44 -2.41 -18.30
C PHE A 154 13.65 -1.69 -17.56
N ARG A 155 13.37 -0.51 -16.96
CA ARG A 155 14.41 0.26 -16.27
C ARG A 155 14.92 -0.51 -15.08
N THR A 156 14.03 -1.22 -14.44
CA THR A 156 14.46 -1.96 -13.26
C THR A 156 15.40 -3.11 -13.57
N PHE A 157 15.03 -3.86 -14.61
CA PHE A 157 15.80 -5.01 -15.07
C PHE A 157 17.21 -4.54 -15.56
N ILE A 158 17.25 -3.45 -16.35
CA ILE A 158 18.48 -2.85 -16.81
C ILE A 158 19.27 -2.46 -15.55
N ALA A 159 18.63 -1.72 -14.62
CA ALA A 159 19.33 -1.31 -13.40
C ALA A 159 19.85 -2.46 -12.57
N GLN A 160 19.11 -3.54 -12.49
CA GLN A 160 19.57 -4.66 -11.69
C GLN A 160 20.80 -5.26 -12.33
N HIS A 161 20.96 -5.14 -13.65
CA HIS A 161 22.12 -5.72 -14.30
C HIS A 161 23.38 -4.96 -13.95
N PHE A 162 23.34 -3.65 -14.18
CA PHE A 162 24.45 -2.76 -13.91
C PHE A 162 24.66 -2.39 -12.45
N GLY A 163 23.82 -2.93 -11.55
CA GLY A 163 23.97 -2.62 -10.11
C GLY A 163 23.84 -1.12 -9.80
N VAL A 164 23.05 -0.35 -10.55
CA VAL A 164 22.89 1.08 -10.29
C VAL A 164 21.41 1.49 -9.96
N ASN A 165 21.21 2.68 -9.45
CA ASN A 165 19.90 3.20 -9.14
C ASN A 165 19.06 3.29 -10.39
N ALA A 166 17.89 2.65 -10.35
CA ALA A 166 16.99 2.62 -11.52
C ALA A 166 16.52 3.97 -11.95
N SER A 167 16.51 4.94 -11.05
CA SER A 167 16.10 6.27 -11.50
C SER A 167 17.10 6.84 -12.47
N ASP A 168 18.33 6.28 -12.50
CA ASP A 168 19.35 6.80 -13.43
C ASP A 168 19.36 6.10 -14.77
N VAL A 169 18.45 5.11 -14.97
CA VAL A 169 18.31 4.46 -16.23
C VAL A 169 17.18 5.16 -16.94
N SER A 170 17.37 5.58 -18.19
CA SER A 170 16.31 6.20 -19.04
C SER A 170 15.97 5.08 -20.04
N ALA A 171 14.71 4.69 -20.15
CA ALA A 171 14.33 3.57 -21.04
C ALA A 171 12.79 3.59 -21.23
N ASN A 172 12.31 3.48 -22.47
CA ASN A 172 10.91 3.49 -22.79
C ASN A 172 10.40 2.19 -23.40
N VAL A 173 9.13 1.89 -23.14
CA VAL A 173 8.46 0.73 -23.72
C VAL A 173 7.34 1.41 -24.44
N ILE A 174 7.12 1.09 -25.72
CA ILE A 174 6.07 1.73 -26.47
C ILE A 174 5.15 0.70 -27.15
N GLY A 175 4.09 1.11 -27.83
CA GLY A 175 3.21 0.09 -28.44
C GLY A 175 2.08 -0.34 -27.46
N GLY A 176 1.26 -1.34 -27.78
CA GLY A 176 0.18 -1.73 -26.88
C GLY A 176 0.74 -2.57 -25.73
N HIS A 177 0.03 -2.57 -24.60
CA HIS A 177 0.37 -3.30 -23.37
C HIS A 177 -0.04 -4.76 -23.54
N GLY A 178 0.84 -5.57 -24.10
CA GLY A 178 0.62 -6.99 -24.35
C GLY A 178 1.92 -7.64 -24.84
N ASP A 179 1.86 -8.87 -25.34
CA ASP A 179 3.08 -9.52 -25.79
C ASP A 179 3.92 -8.73 -26.85
N GLY A 180 3.26 -7.95 -27.72
CA GLY A 180 3.93 -7.18 -28.73
C GLY A 180 4.44 -5.81 -28.29
N MET A 181 4.52 -5.58 -27.00
CA MET A 181 5.03 -4.25 -26.57
C MET A 181 6.54 -4.10 -26.98
N VAL A 182 6.93 -2.87 -27.29
CA VAL A 182 8.32 -2.66 -27.71
C VAL A 182 9.24 -1.93 -26.74
N PRO A 183 10.02 -2.69 -25.98
CA PRO A 183 10.94 -2.05 -25.06
C PRO A 183 12.04 -1.51 -26.11
N ALA A 184 12.15 -0.20 -26.34
CA ALA A 184 13.13 0.39 -27.33
C ALA A 184 14.60 0.39 -26.83
N THR A 185 15.31 -0.72 -26.97
CA THR A 185 16.69 -0.74 -26.47
C THR A 185 17.55 0.34 -27.19
N SER A 186 17.13 0.76 -28.36
CA SER A 186 17.93 1.70 -29.07
C SER A 186 18.13 2.97 -28.30
N SER A 187 17.18 3.38 -27.49
CA SER A 187 17.40 4.63 -26.79
C SER A 187 17.60 4.49 -25.28
N VAL A 188 17.98 3.32 -24.81
CA VAL A 188 18.25 3.17 -23.41
C VAL A 188 19.58 3.90 -23.05
N SER A 189 19.64 4.62 -21.94
CA SER A 189 20.93 5.16 -21.46
C SER A 189 21.06 4.94 -19.93
N VAL A 190 22.28 4.79 -19.42
CA VAL A 190 22.50 4.63 -17.99
C VAL A 190 23.47 5.69 -17.60
N GLY A 191 22.93 6.76 -17.03
CA GLY A 191 23.71 7.90 -16.66
C GLY A 191 24.22 8.62 -17.89
N GLY A 192 23.57 8.48 -19.04
CA GLY A 192 24.03 9.18 -20.22
C GLY A 192 24.77 8.24 -21.21
N VAL A 193 25.19 7.07 -20.77
CA VAL A 193 25.90 6.10 -21.55
C VAL A 193 24.98 5.12 -22.25
N PRO A 194 24.97 5.08 -23.61
CA PRO A 194 24.13 4.16 -24.41
C PRO A 194 24.54 2.72 -24.22
N LEU A 195 23.62 1.84 -24.57
CA LEU A 195 23.91 0.41 -24.40
C LEU A 195 25.06 -0.10 -25.32
N SER A 196 25.10 0.48 -26.52
CA SER A 196 26.14 0.13 -27.51
C SER A 196 27.48 0.33 -26.85
N SER A 197 27.64 1.37 -26.05
CA SER A 197 28.93 1.60 -25.37
C SER A 197 29.21 0.55 -24.32
N PHE A 198 28.21 0.18 -23.53
CA PHE A 198 28.46 -0.84 -22.52
C PHE A 198 28.82 -2.18 -23.16
N ILE A 199 28.35 -2.40 -24.40
CA ILE A 199 28.65 -3.66 -25.11
C ILE A 199 30.15 -3.65 -25.42
N LYS A 200 30.63 -2.56 -26.05
CA LYS A 200 32.10 -2.44 -26.36
C LYS A 200 32.94 -2.58 -25.11
N GLN A 201 32.44 -1.98 -24.03
CA GLN A 201 33.19 -2.00 -22.80
C GLN A 201 33.19 -3.35 -22.16
N GLY A 202 32.34 -4.24 -22.68
CA GLY A 202 32.26 -5.57 -22.11
C GLY A 202 31.46 -5.65 -20.84
N LEU A 203 30.61 -4.68 -20.56
CA LEU A 203 29.88 -4.77 -19.23
C LEU A 203 28.46 -5.37 -19.35
N ILE A 204 27.97 -5.54 -20.59
CA ILE A 204 26.70 -6.20 -20.88
C ILE A 204 26.73 -6.88 -22.29
N THR A 205 26.11 -8.04 -22.46
CA THR A 205 26.10 -8.68 -23.78
C THR A 205 24.75 -8.52 -24.46
N GLN A 206 24.72 -8.52 -25.79
CA GLN A 206 23.46 -8.42 -26.51
C GLN A 206 22.51 -9.54 -26.05
N GLU A 207 23.02 -10.72 -25.78
CA GLU A 207 22.13 -11.76 -25.31
C GLU A 207 21.50 -11.28 -23.99
N GLN A 208 22.33 -10.72 -23.11
CA GLN A 208 21.79 -10.23 -21.85
C GLN A 208 20.70 -9.17 -22.06
N ILE A 209 20.89 -8.31 -23.03
CA ILE A 209 19.91 -7.28 -23.36
C ILE A 209 18.62 -7.91 -23.89
N ASP A 210 18.79 -8.99 -24.65
CA ASP A 210 17.69 -9.66 -25.28
C ASP A 210 16.85 -10.30 -24.19
N GLU A 211 17.50 -10.88 -23.19
CA GLU A 211 16.80 -11.53 -22.10
C GLU A 211 16.01 -10.46 -21.28
N ILE A 212 16.56 -9.24 -21.22
CA ILE A 212 15.93 -8.17 -20.51
C ILE A 212 14.69 -7.72 -21.28
N VAL A 213 14.76 -7.78 -22.58
CA VAL A 213 13.66 -7.35 -23.38
C VAL A 213 12.48 -8.31 -23.20
N CYS A 214 12.81 -9.59 -23.18
CA CYS A 214 11.87 -10.66 -23.04
C CYS A 214 11.23 -10.62 -21.62
N HIS A 215 12.07 -10.53 -20.59
CA HIS A 215 11.66 -10.42 -19.21
C HIS A 215 10.63 -9.29 -19.11
N THR A 216 10.91 -8.16 -19.76
CA THR A 216 10.02 -7.05 -19.71
C THR A 216 8.68 -7.47 -20.30
N ARG A 217 8.71 -8.10 -21.45
CA ARG A 217 7.53 -8.50 -22.15
C ARG A 217 6.56 -9.43 -21.45
N ILE A 218 7.12 -10.33 -20.68
CA ILE A 218 6.23 -11.21 -20.03
C ILE A 218 6.38 -11.16 -18.51
N ALA A 219 6.76 -9.97 -18.02
CA ALA A 219 6.96 -9.80 -16.59
C ALA A 219 5.63 -10.04 -15.84
N TRP A 220 4.52 -9.71 -16.50
CA TRP A 220 3.22 -9.87 -15.85
C TRP A 220 2.97 -11.31 -15.39
N LYS A 221 3.34 -12.28 -16.20
CA LYS A 221 3.11 -13.68 -15.84
C LYS A 221 3.99 -14.09 -14.70
N GLU A 222 5.17 -13.49 -14.60
CA GLU A 222 6.08 -13.87 -13.50
C GLU A 222 5.49 -13.51 -12.11
N VAL A 223 4.93 -12.32 -12.05
CA VAL A 223 4.35 -11.86 -10.83
C VAL A 223 3.04 -12.68 -10.63
N ALA A 224 2.15 -12.71 -11.64
CA ALA A 224 0.89 -13.44 -11.52
C ALA A 224 1.05 -14.89 -11.16
N ASP A 225 2.08 -15.58 -11.63
CA ASP A 225 2.24 -17.00 -11.27
C ASP A 225 2.67 -17.16 -9.85
N ASN A 226 3.38 -16.17 -9.32
CA ASN A 226 3.78 -16.30 -7.93
C ASN A 226 2.66 -15.87 -6.94
N LEU A 227 1.82 -14.88 -7.32
CA LEU A 227 0.76 -14.43 -6.41
C LEU A 227 -0.40 -15.43 -6.44
N LYS A 228 -0.48 -16.18 -7.54
CA LYS A 228 -1.50 -17.22 -7.82
C LYS A 228 -2.98 -16.77 -7.99
N THR A 229 -3.46 -15.98 -7.01
CA THR A 229 -4.82 -15.48 -6.96
C THR A 229 -5.06 -14.21 -7.79
N GLY A 230 -4.03 -13.62 -8.40
CA GLY A 230 -4.32 -12.43 -9.19
C GLY A 230 -3.11 -11.88 -9.96
N THR A 231 -3.25 -10.71 -10.59
CA THR A 231 -2.13 -10.15 -11.30
C THR A 231 -1.53 -9.01 -10.41
N ALA A 232 -0.47 -8.38 -10.89
CA ALA A 232 0.19 -7.31 -10.19
C ALA A 232 -0.72 -6.16 -9.81
N TYR A 233 -0.44 -5.57 -8.70
CA TYR A 233 -1.26 -4.46 -8.30
C TYR A 233 -0.45 -3.42 -7.51
N PHE A 234 0.59 -3.80 -6.81
CA PHE A 234 1.40 -2.69 -6.18
C PHE A 234 1.97 -1.66 -7.17
N ALA A 235 2.69 -2.12 -8.22
CA ALA A 235 3.33 -1.13 -9.15
C ALA A 235 2.27 -0.48 -10.03
N PRO A 236 1.29 -1.26 -10.48
CA PRO A 236 0.25 -0.59 -11.32
C PRO A 236 -0.41 0.55 -10.49
N ALA A 237 -0.57 0.37 -9.19
CA ALA A 237 -1.18 1.49 -8.48
C ALA A 237 -0.22 2.67 -8.40
N ALA A 238 1.05 2.41 -8.03
CA ALA A 238 2.00 3.55 -7.98
C ALA A 238 2.06 4.24 -9.34
N ALA A 239 2.01 3.44 -10.45
CA ALA A 239 2.09 4.10 -11.80
C ALA A 239 0.89 5.07 -12.04
N ALA A 240 -0.31 4.63 -11.63
CA ALA A 240 -1.51 5.47 -11.82
C ALA A 240 -1.39 6.74 -11.02
N VAL A 241 -0.80 6.66 -9.83
CA VAL A 241 -0.67 7.85 -8.98
C VAL A 241 0.32 8.80 -9.66
N LYS A 242 1.44 8.28 -10.20
CA LYS A 242 2.38 9.17 -10.93
C LYS A 242 1.68 9.89 -12.04
N MET A 243 0.80 9.23 -12.74
CA MET A 243 0.05 9.94 -13.85
C MET A 243 -0.93 11.00 -13.29
N ALA A 244 -1.61 10.65 -12.21
CA ALA A 244 -2.56 11.58 -11.62
C ALA A 244 -1.76 12.81 -11.12
N GLU A 245 -0.63 12.56 -10.44
CA GLU A 245 0.23 13.69 -10.00
C GLU A 245 0.61 14.63 -11.20
N ALA A 246 1.03 14.03 -12.32
CA ALA A 246 1.48 14.83 -13.46
C ALA A 246 0.37 15.80 -13.88
N TYR A 247 -0.87 15.32 -13.85
CA TYR A 247 -2.02 16.17 -14.23
C TYR A 247 -2.38 17.21 -13.14
N LEU A 248 -2.50 16.77 -11.90
CA LEU A 248 -2.91 17.67 -10.82
C LEU A 248 -1.88 18.69 -10.51
N LYS A 249 -0.60 18.37 -10.70
CA LYS A 249 0.42 19.37 -10.40
C LYS A 249 0.96 20.08 -11.67
N ASP A 250 0.33 19.79 -12.81
CA ASP A 250 0.68 20.38 -14.08
C ASP A 250 2.18 20.27 -14.29
N LYS A 251 2.69 19.04 -14.15
CA LYS A 251 4.11 18.81 -14.33
C LYS A 251 4.78 18.95 -15.74
N LYS A 252 4.02 18.79 -16.81
CA LYS A 252 4.65 18.70 -18.12
C LYS A 252 5.61 17.48 -17.98
N ALA A 253 5.19 16.41 -17.29
CA ALA A 253 6.05 15.24 -17.17
C ALA A 253 5.95 14.39 -18.44
N VAL A 254 7.06 13.73 -18.72
CA VAL A 254 7.14 12.89 -19.87
C VAL A 254 6.73 11.56 -19.32
N VAL A 255 5.62 11.06 -19.82
CA VAL A 255 5.04 9.81 -19.35
C VAL A 255 4.66 8.85 -20.48
N PRO A 256 5.35 7.72 -20.55
CA PRO A 256 4.91 6.82 -21.60
C PRO A 256 3.51 6.29 -21.13
N CYS A 257 2.51 6.42 -21.99
CA CYS A 257 1.18 5.88 -21.71
C CYS A 257 0.40 5.65 -23.05
N SER A 258 -0.78 5.04 -22.95
CA SER A 258 -1.61 4.80 -24.10
C SER A 258 -2.37 6.07 -24.36
N ALA A 259 -2.08 6.71 -25.48
CA ALA A 259 -2.73 8.00 -25.72
C ALA A 259 -3.15 8.07 -27.19
N PHE A 260 -4.05 8.96 -27.54
CA PHE A 260 -4.52 8.98 -28.93
C PHE A 260 -3.47 9.68 -29.82
N CYS A 261 -2.79 8.85 -30.60
CA CYS A 261 -1.68 9.19 -31.48
C CYS A 261 -2.13 9.25 -32.93
N SER A 262 -2.04 10.44 -33.52
CA SER A 262 -2.40 10.59 -34.92
C SER A 262 -1.46 11.56 -35.64
N ASN A 263 -0.18 11.23 -35.71
CA ASN A 263 0.78 12.09 -36.35
C ASN A 263 2.19 11.75 -36.00
N HIS A 264 2.41 10.59 -35.40
CA HIS A 264 3.74 10.28 -35.00
C HIS A 264 3.70 8.81 -35.22
N TYR A 265 4.87 8.18 -35.23
CA TYR A 265 4.98 6.73 -35.43
C TYR A 265 4.24 6.18 -36.69
N GLY A 266 3.94 7.06 -37.65
CA GLY A 266 3.28 6.58 -38.84
C GLY A 266 1.92 5.91 -38.62
N VAL A 267 1.11 6.43 -37.68
CA VAL A 267 -0.24 5.90 -37.44
C VAL A 267 -1.09 7.12 -37.57
N LYS A 268 -2.36 6.95 -37.85
CA LYS A 268 -3.20 8.10 -38.01
C LYS A 268 -4.42 8.22 -37.12
N GLY A 269 -4.31 7.94 -35.83
CA GLY A 269 -5.50 8.10 -34.99
C GLY A 269 -5.83 6.82 -34.26
N ILE A 270 -4.90 6.36 -33.42
CA ILE A 270 -5.07 5.15 -32.62
C ILE A 270 -4.48 5.35 -31.20
N TYR A 271 -5.01 4.60 -30.23
CA TYR A 271 -4.51 4.71 -28.89
C TYR A 271 -3.43 3.67 -28.74
N MET A 272 -2.25 4.07 -28.30
CA MET A 272 -1.22 3.06 -28.09
C MET A 272 -0.14 3.63 -27.20
N GLY A 273 0.74 2.79 -26.67
CA GLY A 273 1.77 3.32 -25.82
C GLY A 273 2.85 4.14 -26.55
N VAL A 274 2.92 5.42 -26.17
CA VAL A 274 3.87 6.39 -26.67
C VAL A 274 4.32 7.34 -25.51
N PRO A 275 5.46 8.06 -25.70
CA PRO A 275 5.96 9.01 -24.68
C PRO A 275 5.08 10.27 -24.87
N THR A 276 4.38 10.71 -23.81
CA THR A 276 3.50 11.88 -23.90
C THR A 276 4.00 12.94 -22.92
N ILE A 277 3.46 14.17 -23.04
CA ILE A 277 3.76 15.21 -22.02
C ILE A 277 2.42 15.42 -21.33
N ILE A 278 2.35 15.12 -20.02
CA ILE A 278 1.11 15.34 -19.25
C ILE A 278 1.13 16.54 -18.36
N GLY A 279 0.05 17.32 -18.46
CA GLY A 279 -0.05 18.49 -17.62
C GLY A 279 -1.52 18.78 -17.25
N LYS A 280 -1.78 20.02 -16.82
CA LYS A 280 -3.14 20.41 -16.45
C LYS A 280 -4.16 20.31 -17.58
N ASN A 281 -3.71 20.19 -18.83
CA ASN A 281 -4.70 20.02 -19.89
C ASN A 281 -4.70 18.58 -20.38
N GLY A 282 -4.21 17.65 -19.55
CA GLY A 282 -4.18 16.24 -19.92
C GLY A 282 -2.94 15.85 -20.75
N VAL A 283 -3.16 15.03 -21.78
CA VAL A 283 -2.10 14.66 -22.70
C VAL A 283 -1.88 15.92 -23.54
N GLU A 284 -0.72 16.57 -23.37
CA GLU A 284 -0.50 17.80 -24.06
C GLU A 284 0.39 17.67 -25.31
N ASP A 285 1.03 16.52 -25.46
CA ASP A 285 1.87 16.33 -26.59
C ASP A 285 2.39 14.91 -26.59
N ILE A 286 2.87 14.47 -27.75
CA ILE A 286 3.49 13.16 -27.87
C ILE A 286 4.89 13.40 -28.45
N LEU A 287 5.90 12.70 -27.93
CA LEU A 287 7.27 12.81 -28.38
C LEU A 287 7.61 11.69 -29.38
N GLU A 288 8.51 11.98 -30.33
CA GLU A 288 8.87 10.99 -31.35
C GLU A 288 10.20 10.36 -31.02
N LEU A 289 10.22 9.12 -30.62
CA LEU A 289 11.47 8.43 -30.30
C LEU A 289 12.19 8.11 -31.59
N ASP A 290 13.49 7.88 -31.49
CA ASP A 290 14.32 7.58 -32.64
C ASP A 290 14.41 6.07 -32.72
N LEU A 291 13.60 5.46 -33.56
CA LEU A 291 13.59 3.99 -33.64
C LEU A 291 14.41 3.42 -34.75
N THR A 292 14.93 2.24 -34.53
CA THR A 292 15.68 1.64 -35.58
C THR A 292 14.67 0.98 -36.49
N PRO A 293 15.15 0.53 -37.67
CA PRO A 293 14.23 -0.13 -38.62
C PRO A 293 13.61 -1.40 -37.97
N LEU A 294 14.44 -2.20 -37.32
CA LEU A 294 13.92 -3.36 -36.68
C LEU A 294 12.82 -2.97 -35.61
N GLU A 295 13.04 -1.84 -34.91
CA GLU A 295 12.11 -1.40 -33.89
C GLU A 295 10.84 -0.86 -34.55
N GLN A 296 10.99 -0.16 -35.67
CA GLN A 296 9.82 0.40 -36.36
C GLN A 296 8.94 -0.71 -36.85
N LYS A 297 9.57 -1.85 -37.11
CA LYS A 297 8.87 -3.02 -37.55
C LYS A 297 8.16 -3.69 -36.36
N LEU A 298 8.87 -3.94 -35.26
CA LEU A 298 8.23 -4.54 -34.08
C LEU A 298 7.03 -3.64 -33.63
N LEU A 299 7.14 -2.32 -33.75
CA LEU A 299 6.06 -1.39 -33.40
C LEU A 299 4.90 -1.68 -34.33
N GLY A 300 5.23 -1.80 -35.61
CA GLY A 300 4.24 -2.14 -36.63
C GLY A 300 3.47 -3.42 -36.24
N GLU A 301 4.15 -4.41 -35.71
CA GLU A 301 3.46 -5.62 -35.39
C GLU A 301 2.59 -5.42 -34.17
N SER A 302 2.95 -4.47 -33.30
CA SER A 302 2.23 -4.19 -32.06
C SER A 302 0.94 -3.55 -32.45
N ILE A 303 1.09 -2.57 -33.31
CA ILE A 303 -0.07 -1.87 -33.78
C ILE A 303 -1.08 -2.89 -34.36
N ASN A 304 -0.60 -3.92 -35.08
CA ASN A 304 -1.55 -4.86 -35.70
C ASN A 304 -2.30 -5.61 -34.61
N GLU A 305 -1.58 -6.03 -33.55
CA GLU A 305 -2.21 -6.70 -32.40
C GLU A 305 -3.37 -5.81 -31.87
N VAL A 306 -3.08 -4.55 -31.63
CA VAL A 306 -4.09 -3.63 -31.14
C VAL A 306 -5.31 -3.57 -32.08
N ASN A 307 -5.06 -3.39 -33.38
CA ASN A 307 -6.13 -3.35 -34.37
C ASN A 307 -6.94 -4.63 -34.41
N THR A 308 -6.26 -5.76 -34.32
CA THR A 308 -6.94 -7.05 -34.30
C THR A 308 -7.90 -7.25 -33.08
N ILE A 309 -7.45 -6.94 -31.86
CA ILE A 309 -8.28 -7.15 -30.69
C ILE A 309 -9.42 -6.19 -30.84
N SER A 310 -9.08 -5.02 -31.31
CA SER A 310 -10.09 -4.06 -31.50
C SER A 310 -11.22 -4.48 -32.48
N LYS A 311 -10.84 -5.12 -33.60
CA LYS A 311 -11.87 -5.54 -34.55
C LYS A 311 -12.68 -6.64 -33.86
N VAL A 312 -11.98 -7.52 -33.14
CA VAL A 312 -12.68 -8.56 -32.43
C VAL A 312 -13.76 -7.95 -31.52
N LEU A 313 -13.44 -6.85 -30.85
CA LEU A 313 -14.38 -6.22 -29.96
C LEU A 313 -15.52 -5.65 -30.74
N ASP A 314 -15.20 -5.03 -31.87
CA ASP A 314 -16.24 -4.46 -32.70
C ASP A 314 -17.24 -5.48 -33.22
N ASN A 315 -16.92 -6.77 -33.13
CA ASN A 315 -17.79 -7.86 -33.61
C ASN A 315 -18.17 -8.75 -32.47
N ALA A 316 -18.41 -8.14 -31.32
CA ALA A 316 -18.75 -8.90 -30.15
C ALA A 316 -20.21 -9.31 -30.15
N PRO A 317 -20.54 -10.46 -29.50
CA PRO A 317 -21.89 -11.04 -29.38
C PRO A 317 -22.91 -10.00 -28.95
N MET B 1 31.34 2.46 8.90
CA MET B 1 30.86 1.89 7.61
C MET B 1 29.33 2.09 7.58
N ILE B 2 28.83 2.59 6.47
CA ILE B 2 27.40 2.77 6.35
C ILE B 2 26.88 1.46 5.81
N GLU B 3 25.81 0.95 6.37
CA GLU B 3 25.16 -0.24 5.84
C GLU B 3 23.69 0.20 5.64
N ARG B 4 22.99 -0.41 4.69
CA ARG B 4 21.58 -0.11 4.49
C ARG B 4 20.79 -0.59 5.71
N ARG B 5 19.72 0.10 6.08
CA ARG B 5 18.91 -0.39 7.19
C ARG B 5 18.14 -1.60 6.60
N LYS B 6 17.82 -2.58 7.46
CA LYS B 6 17.23 -3.80 6.98
C LYS B 6 16.05 -4.18 7.80
N ILE B 7 14.91 -4.46 7.18
CA ILE B 7 13.72 -4.81 7.92
C ILE B 7 13.13 -6.09 7.39
N ALA B 8 12.96 -7.08 8.28
CA ALA B 8 12.33 -8.36 7.90
C ALA B 8 10.84 -8.39 8.26
N VAL B 9 10.00 -8.75 7.32
CA VAL B 9 8.60 -8.88 7.58
C VAL B 9 8.30 -10.40 7.54
N ILE B 10 7.94 -10.96 8.71
CA ILE B 10 7.68 -12.41 8.87
C ILE B 10 6.21 -12.57 8.72
N GLY B 11 5.83 -13.10 7.56
CA GLY B 11 4.42 -13.20 7.25
C GLY B 11 4.10 -12.15 6.15
N SER B 12 3.78 -12.64 4.95
CA SER B 12 3.52 -11.75 3.85
C SER B 12 2.12 -11.70 3.36
N GLY B 13 1.15 -11.71 4.29
CA GLY B 13 -0.22 -11.64 3.87
C GLY B 13 -0.57 -10.15 3.66
N GLN B 14 -1.82 -9.82 3.95
CA GLN B 14 -2.39 -8.51 3.79
C GLN B 14 -1.50 -7.41 4.39
N ILE B 15 -1.18 -7.54 5.66
CA ILE B 15 -0.38 -6.55 6.33
C ILE B 15 1.08 -6.56 5.95
N GLY B 16 1.71 -7.72 5.89
CA GLY B 16 3.09 -7.77 5.54
C GLY B 16 3.40 -7.11 4.19
N GLY B 17 2.58 -7.40 3.19
CA GLY B 17 2.81 -6.81 1.91
C GLY B 17 2.72 -5.29 1.97
N ASN B 18 1.71 -4.76 2.66
CA ASN B 18 1.58 -3.35 2.76
C ASN B 18 2.75 -2.75 3.51
N ILE B 19 3.25 -3.46 4.51
CA ILE B 19 4.37 -2.90 5.22
C ILE B 19 5.59 -2.80 4.26
N ALA B 20 5.81 -3.81 3.42
CA ALA B 20 6.94 -3.82 2.48
C ALA B 20 6.81 -2.69 1.50
N TYR B 21 5.59 -2.45 1.07
CA TYR B 21 5.31 -1.41 0.11
C TYR B 21 5.66 -0.02 0.63
N ILE B 22 5.23 0.28 1.88
CA ILE B 22 5.44 1.59 2.50
C ILE B 22 6.85 1.82 2.82
N VAL B 23 7.48 0.84 3.49
CA VAL B 23 8.88 0.93 3.85
C VAL B 23 9.69 1.21 2.57
N GLY B 24 9.36 0.50 1.50
CA GLY B 24 10.08 0.67 0.23
C GLY B 24 9.85 2.07 -0.33
N LYS B 25 8.57 2.45 -0.38
CA LYS B 25 8.22 3.74 -0.90
C LYS B 25 8.95 4.82 -0.18
N ASP B 26 9.05 4.75 1.16
CA ASP B 26 9.74 5.79 1.90
C ASP B 26 11.28 5.58 1.91
N ASN B 27 11.75 4.52 1.29
CA ASN B 27 13.20 4.26 1.29
C ASN B 27 13.71 4.25 2.71
N LEU B 28 12.90 3.73 3.63
CA LEU B 28 13.32 3.66 5.02
C LEU B 28 14.29 2.48 5.23
N ALA B 29 14.25 1.46 4.38
CA ALA B 29 15.17 0.32 4.58
C ALA B 29 14.99 -0.66 3.45
N ASP B 30 15.82 -1.70 3.46
CA ASP B 30 15.66 -2.80 2.51
C ASP B 30 14.69 -3.71 3.26
N VAL B 31 13.98 -4.54 2.50
CA VAL B 31 12.95 -5.36 3.06
C VAL B 31 13.06 -6.80 2.70
N VAL B 32 12.90 -7.66 3.70
CA VAL B 32 12.90 -9.08 3.41
C VAL B 32 11.54 -9.58 3.77
N LEU B 33 10.77 -10.03 2.77
CA LEU B 33 9.43 -10.57 3.01
C LEU B 33 9.53 -12.10 3.07
N PHE B 34 9.23 -12.63 4.25
CA PHE B 34 9.29 -14.05 4.58
C PHE B 34 7.90 -14.68 4.74
N ASP B 35 7.62 -15.77 4.07
CA ASP B 35 6.37 -16.49 4.26
C ASP B 35 6.65 -17.96 3.99
N ILE B 36 5.88 -18.87 4.57
CA ILE B 36 6.15 -20.27 4.27
C ILE B 36 5.25 -20.56 3.10
N ALA B 37 4.20 -19.77 2.85
CA ALA B 37 3.38 -20.07 1.66
C ALA B 37 4.21 -19.83 0.40
N GLU B 38 4.10 -20.81 -0.47
CA GLU B 38 4.79 -20.88 -1.75
C GLU B 38 4.42 -19.74 -2.68
N GLY B 39 5.43 -19.06 -3.22
CA GLY B 39 5.17 -17.97 -4.17
C GLY B 39 4.67 -16.58 -3.73
N ILE B 40 3.90 -16.48 -2.64
CA ILE B 40 3.31 -15.20 -2.25
C ILE B 40 4.28 -14.10 -2.00
N PRO B 41 5.28 -14.33 -1.13
CA PRO B 41 6.30 -13.32 -0.81
C PRO B 41 7.22 -12.94 -1.99
N GLN B 42 7.48 -13.88 -2.90
CA GLN B 42 8.32 -13.62 -4.07
C GLN B 42 7.51 -12.80 -5.00
N GLY B 43 6.24 -13.16 -5.16
CA GLY B 43 5.39 -12.38 -6.03
C GLY B 43 5.13 -10.96 -5.57
N LYS B 44 4.92 -10.75 -4.27
CA LYS B 44 4.61 -9.42 -3.80
C LYS B 44 5.90 -8.61 -3.88
N ALA B 45 7.02 -9.25 -3.53
CA ALA B 45 8.33 -8.59 -3.56
C ALA B 45 8.72 -8.16 -4.97
N LEU B 46 8.39 -8.97 -5.96
CA LEU B 46 8.71 -8.61 -7.32
C LEU B 46 7.83 -7.47 -7.72
N ASP B 47 6.53 -7.56 -7.44
CA ASP B 47 5.63 -6.46 -7.86
C ASP B 47 6.06 -5.10 -7.17
N ILE B 48 6.42 -5.19 -5.91
CA ILE B 48 6.80 -3.99 -5.20
C ILE B 48 8.14 -3.44 -5.72
N THR B 49 9.04 -4.32 -6.07
CA THR B 49 10.35 -3.89 -6.66
C THR B 49 10.11 -3.01 -7.91
N HIS B 50 9.16 -3.40 -8.73
CA HIS B 50 8.87 -2.58 -9.92
C HIS B 50 8.40 -1.19 -9.56
N SER B 51 7.85 -1.01 -8.35
CA SER B 51 7.33 0.30 -8.02
C SER B 51 8.41 1.16 -7.39
N MET B 52 9.50 0.57 -6.91
CA MET B 52 10.56 1.43 -6.33
C MET B 52 11.03 2.59 -7.25
N VAL B 53 11.27 2.31 -8.53
CA VAL B 53 11.73 3.36 -9.37
C VAL B 53 10.65 4.42 -9.57
N MET B 54 9.37 4.01 -9.54
CA MET B 54 8.35 5.03 -9.65
C MET B 54 8.37 5.94 -8.38
N PHE B 55 8.67 5.40 -7.22
CA PHE B 55 8.67 6.24 -6.02
C PHE B 55 10.08 6.95 -5.87
N GLY B 56 11.04 6.61 -6.73
CA GLY B 56 12.35 7.25 -6.60
C GLY B 56 13.09 6.65 -5.43
N SER B 57 12.84 5.40 -5.17
CA SER B 57 13.52 4.75 -4.06
C SER B 57 14.48 3.66 -4.51
N THR B 58 15.62 3.49 -3.81
CA THR B 58 16.56 2.41 -4.16
C THR B 58 16.43 1.25 -3.18
N SER B 59 15.38 1.28 -2.33
CA SER B 59 15.19 0.14 -1.43
C SER B 59 15.09 -1.17 -2.20
N LYS B 60 15.78 -2.16 -1.72
CA LYS B 60 15.71 -3.47 -2.31
C LYS B 60 14.61 -4.32 -1.58
N VAL B 61 13.77 -5.05 -2.29
CA VAL B 61 12.73 -5.85 -1.63
C VAL B 61 12.75 -7.26 -2.23
N ILE B 62 12.96 -8.28 -1.42
CA ILE B 62 13.01 -9.62 -1.94
C ILE B 62 12.08 -10.47 -1.09
N GLY B 63 11.61 -11.57 -1.68
CA GLY B 63 10.75 -12.50 -0.99
C GLY B 63 11.54 -13.77 -0.78
N THR B 64 11.27 -14.47 0.33
CA THR B 64 11.96 -15.67 0.67
C THR B 64 11.16 -16.54 1.63
N ASN B 65 11.68 -17.76 1.85
CA ASN B 65 11.06 -18.67 2.79
C ASN B 65 12.17 -19.31 3.60
N ASP B 66 13.31 -18.66 3.62
CA ASP B 66 14.48 -19.13 4.33
C ASP B 66 14.94 -18.11 5.39
N TYR B 67 14.74 -18.45 6.66
CA TYR B 67 15.11 -17.59 7.75
C TYR B 67 16.54 -17.09 7.69
N ALA B 68 17.41 -17.75 6.94
CA ALA B 68 18.79 -17.25 6.87
C ALA B 68 18.83 -15.89 6.13
N ASP B 69 17.78 -15.63 5.38
CA ASP B 69 17.72 -14.37 4.67
C ASP B 69 17.41 -13.17 5.59
N ILE B 70 16.96 -13.42 6.83
CA ILE B 70 16.70 -12.30 7.73
C ILE B 70 17.89 -11.96 8.64
N SER B 71 19.04 -12.53 8.34
CA SER B 71 20.15 -12.24 9.21
C SER B 71 20.62 -10.80 8.99
N GLY B 72 21.13 -10.19 10.05
CA GLY B 72 21.55 -8.82 9.93
C GLY B 72 20.35 -7.87 9.94
N SER B 73 19.13 -8.35 10.17
CA SER B 73 18.00 -7.45 10.18
C SER B 73 18.01 -6.51 11.37
N ASP B 74 17.82 -5.22 11.18
CA ASP B 74 17.75 -4.33 12.32
C ASP B 74 16.35 -4.37 12.98
N VAL B 75 15.32 -4.72 12.24
CA VAL B 75 13.97 -4.75 12.81
C VAL B 75 13.28 -5.94 12.18
N VAL B 76 12.46 -6.62 12.96
CA VAL B 76 11.71 -7.74 12.48
C VAL B 76 10.30 -7.46 12.84
N ILE B 77 9.38 -7.52 11.90
CA ILE B 77 7.98 -7.26 12.20
C ILE B 77 7.24 -8.55 11.89
N ILE B 78 6.50 -9.00 12.90
CA ILE B 78 5.81 -10.27 12.81
C ILE B 78 4.30 -10.21 12.56
N THR B 79 3.88 -10.63 11.35
CA THR B 79 2.48 -10.66 11.02
C THR B 79 2.01 -12.13 10.79
N ALA B 80 2.93 -13.11 10.90
CA ALA B 80 2.57 -14.53 10.66
C ALA B 80 1.41 -14.94 11.56
N SER B 81 0.42 -15.55 10.94
CA SER B 81 -0.76 -15.98 11.66
C SER B 81 -1.51 -17.03 10.85
N ILE B 82 -2.26 -17.90 11.55
CA ILE B 82 -3.07 -18.92 10.87
C ILE B 82 -4.23 -18.17 10.24
N PRO B 83 -4.81 -18.73 9.18
CA PRO B 83 -5.93 -18.14 8.44
C PRO B 83 -7.21 -17.83 9.21
N GLY B 84 -8.12 -17.13 8.54
CA GLY B 84 -9.41 -16.81 9.14
C GLY B 84 -9.48 -15.65 10.14
N ARG B 85 -10.36 -14.67 9.85
CA ARG B 85 -10.53 -13.48 10.72
C ARG B 85 -11.16 -13.76 12.10
N PRO B 86 -10.84 -12.92 13.12
CA PRO B 86 -11.47 -13.22 14.40
C PRO B 86 -12.99 -13.01 14.28
N LYS B 87 -13.72 -13.84 15.04
CA LYS B 87 -15.19 -13.87 15.14
C LYS B 87 -15.71 -12.72 16.05
N ASP B 88 -15.35 -12.79 17.34
CA ASP B 88 -15.76 -11.78 18.33
C ASP B 88 -14.51 -11.33 19.10
N ASP B 89 -13.52 -12.21 19.14
CA ASP B 89 -12.24 -11.96 19.86
C ASP B 89 -11.00 -12.51 19.10
N ARG B 90 -9.89 -11.75 19.22
CA ARG B 90 -8.60 -12.06 18.62
C ARG B 90 -7.92 -13.13 19.42
N SER B 91 -8.68 -13.69 20.37
CA SER B 91 -8.20 -14.71 21.31
C SER B 91 -8.23 -16.14 20.79
N GLU B 92 -9.39 -16.57 20.29
CA GLU B 92 -9.63 -17.92 19.72
C GLU B 92 -8.38 -18.65 19.07
N LEU B 93 -7.54 -17.88 18.30
CA LEU B 93 -6.31 -18.31 17.57
C LEU B 93 -5.02 -18.58 18.37
N LEU B 94 -5.11 -18.37 19.69
CA LEU B 94 -4.02 -18.51 20.62
C LEU B 94 -2.98 -19.58 20.41
N PHE B 95 -3.41 -20.83 20.35
CA PHE B 95 -2.46 -21.94 20.23
C PHE B 95 -1.79 -22.04 18.89
N GLY B 96 -2.55 -21.93 17.83
CA GLY B 96 -1.89 -21.98 16.53
C GLY B 96 -0.82 -20.87 16.38
N ASN B 97 -1.20 -19.62 16.68
CA ASN B 97 -0.24 -18.52 16.52
C ASN B 97 0.99 -18.60 17.43
N ALA B 98 0.81 -19.18 18.64
CA ALA B 98 1.92 -19.32 19.60
C ALA B 98 2.87 -20.36 19.05
N ARG B 99 2.29 -21.29 18.31
CA ARG B 99 3.07 -22.36 17.69
C ARG B 99 3.91 -21.69 16.56
N ILE B 100 3.22 -20.94 15.69
CA ILE B 100 3.85 -20.19 14.60
C ILE B 100 4.95 -19.32 15.16
N LEU B 101 4.67 -18.62 16.24
CA LEU B 101 5.68 -17.77 16.82
C LEU B 101 6.90 -18.48 17.36
N ASP B 102 6.76 -19.74 17.73
CA ASP B 102 7.89 -20.48 18.24
C ASP B 102 8.93 -20.60 17.12
N SER B 103 8.45 -20.86 15.90
CA SER B 103 9.37 -21.00 14.76
C SER B 103 10.11 -19.68 14.50
N VAL B 104 9.34 -18.59 14.48
CA VAL B 104 9.95 -17.28 14.25
C VAL B 104 10.93 -16.98 15.36
N ALA B 105 10.63 -17.40 16.59
CA ALA B 105 11.59 -17.07 17.66
C ALA B 105 12.90 -17.77 17.44
N GLU B 106 12.84 -18.99 16.96
CA GLU B 106 14.07 -19.73 16.76
C GLU B 106 14.78 -19.10 15.57
N GLY B 107 14.00 -18.69 14.58
CA GLY B 107 14.58 -18.04 13.41
C GLY B 107 15.39 -16.79 13.77
N VAL B 108 14.76 -15.92 14.57
CA VAL B 108 15.38 -14.65 14.96
C VAL B 108 16.57 -14.85 15.88
N LYS B 109 16.42 -15.80 16.81
CA LYS B 109 17.42 -16.13 17.80
C LYS B 109 18.70 -16.52 17.05
N LYS B 110 18.53 -17.28 15.97
CA LYS B 110 19.71 -17.70 15.20
C LYS B 110 20.22 -16.65 14.26
N TYR B 111 19.35 -16.08 13.43
CA TYR B 111 19.88 -15.16 12.43
C TYR B 111 20.04 -13.68 12.69
N CYS B 112 19.30 -13.15 13.67
CA CYS B 112 19.40 -11.71 13.98
C CYS B 112 18.84 -11.45 15.36
N PRO B 113 19.60 -11.86 16.39
CA PRO B 113 19.17 -11.68 17.76
C PRO B 113 19.31 -10.28 18.28
N ASN B 114 19.97 -9.39 17.52
CA ASN B 114 20.11 -8.02 18.02
C ASN B 114 19.01 -7.11 17.44
N ALA B 115 18.04 -7.74 16.78
CA ALA B 115 16.99 -6.99 16.12
C ALA B 115 15.98 -6.43 17.07
N PHE B 116 15.26 -5.39 16.61
CA PHE B 116 14.18 -4.79 17.39
C PHE B 116 13.01 -5.55 16.77
N VAL B 117 12.26 -6.26 17.58
CA VAL B 117 11.15 -7.04 17.07
C VAL B 117 9.86 -6.38 17.41
N ILE B 118 8.96 -6.24 16.43
CA ILE B 118 7.63 -5.62 16.64
C ILE B 118 6.61 -6.71 16.23
N CYS B 119 5.75 -7.08 17.17
CA CYS B 119 4.76 -8.11 16.91
C CYS B 119 3.46 -7.52 16.52
N ILE B 120 2.76 -8.19 15.63
CA ILE B 120 1.46 -7.69 15.26
C ILE B 120 0.50 -8.86 15.39
N THR B 121 1.05 -10.06 15.28
CA THR B 121 0.24 -11.28 15.37
C THR B 121 -0.71 -11.31 16.60
N ASN B 122 -1.99 -11.56 16.37
CA ASN B 122 -2.98 -11.63 17.47
C ASN B 122 -2.97 -13.04 18.17
N PRO B 123 -3.36 -13.17 19.47
CA PRO B 123 -3.81 -12.16 20.45
C PRO B 123 -2.50 -11.45 20.90
N LEU B 124 -2.40 -10.18 20.47
CA LEU B 124 -1.23 -9.32 20.65
C LEU B 124 -0.40 -9.33 21.91
N ASP B 125 -1.00 -8.92 23.03
CA ASP B 125 -0.27 -8.85 24.28
C ASP B 125 0.28 -10.19 24.71
N VAL B 126 -0.51 -11.26 24.53
CA VAL B 126 0.01 -12.60 24.90
C VAL B 126 1.04 -13.04 23.91
N MET B 127 0.74 -12.88 22.62
CA MET B 127 1.71 -13.25 21.58
C MET B 127 3.04 -12.59 21.87
N VAL B 128 3.05 -11.30 22.22
CA VAL B 128 4.31 -10.58 22.49
C VAL B 128 5.07 -11.17 23.65
N SER B 129 4.30 -11.41 24.72
CA SER B 129 4.91 -12.01 25.91
C SER B 129 5.52 -13.37 25.55
N HIS B 130 4.75 -14.17 24.82
CA HIS B 130 5.23 -15.47 24.39
C HIS B 130 6.50 -15.36 23.55
N PHE B 131 6.54 -14.38 22.64
CA PHE B 131 7.71 -14.32 21.78
C PHE B 131 8.98 -14.01 22.51
N GLN B 132 8.87 -13.11 23.48
CA GLN B 132 10.03 -12.68 24.25
C GLN B 132 10.59 -13.81 25.10
N LYS B 133 9.68 -14.56 25.73
CA LYS B 133 10.01 -15.72 26.58
C LYS B 133 10.81 -16.79 25.79
N VAL B 134 10.20 -17.33 24.73
CA VAL B 134 10.90 -18.36 23.98
C VAL B 134 12.05 -17.90 23.11
N SER B 135 12.14 -16.60 22.77
CA SER B 135 13.27 -16.15 21.93
C SER B 135 14.46 -15.73 22.76
N GLY B 136 14.17 -15.23 23.98
CA GLY B 136 15.20 -14.76 24.91
C GLY B 136 15.77 -13.36 24.61
N LEU B 137 15.09 -12.57 23.78
CA LEU B 137 15.62 -11.23 23.46
C LEU B 137 15.39 -10.26 24.57
N PRO B 138 16.26 -9.24 24.69
CA PRO B 138 16.05 -8.27 25.77
C PRO B 138 14.58 -7.78 25.73
N HIS B 139 13.99 -7.58 26.91
CA HIS B 139 12.60 -7.13 27.02
C HIS B 139 12.33 -5.81 26.24
N ASN B 140 13.26 -4.87 26.38
CA ASN B 140 13.22 -3.54 25.73
C ASN B 140 13.46 -3.67 24.18
N LYS B 141 13.68 -4.88 23.65
CA LYS B 141 13.85 -5.02 22.20
C LYS B 141 12.68 -5.81 21.65
N VAL B 142 11.63 -6.00 22.45
CA VAL B 142 10.51 -6.77 21.95
C VAL B 142 9.28 -6.09 22.45
N CYS B 143 8.34 -5.83 21.54
CA CYS B 143 7.11 -5.12 21.90
C CYS B 143 6.06 -5.44 20.85
N GLY B 144 4.85 -4.98 21.04
CA GLY B 144 3.81 -5.30 20.10
C GLY B 144 3.11 -4.03 19.67
N MET B 145 2.57 -4.09 18.46
CA MET B 145 1.86 -2.99 17.90
C MET B 145 0.39 -3.13 18.13
N ALA B 146 -0.17 -2.11 18.74
CA ALA B 146 -1.61 -2.05 19.00
C ALA B 146 -2.00 -0.61 19.35
N GLY B 147 -1.38 -0.08 20.40
CA GLY B 147 -1.70 1.27 20.81
C GLY B 147 -1.74 2.32 19.71
N VAL B 148 -0.72 2.31 18.81
CA VAL B 148 -0.63 3.27 17.70
C VAL B 148 -1.87 3.19 16.84
N LEU B 149 -2.29 1.96 16.53
CA LEU B 149 -3.46 1.75 15.71
C LEU B 149 -4.71 2.20 16.52
N ASP B 150 -4.78 1.79 17.79
CA ASP B 150 -5.94 2.25 18.61
C ASP B 150 -5.98 3.78 18.88
N SER B 151 -4.83 4.31 19.28
CA SER B 151 -4.78 5.73 19.50
C SER B 151 -5.06 6.45 18.16
N SER B 152 -4.65 5.89 17.02
CA SER B 152 -4.91 6.63 15.76
C SER B 152 -6.37 6.73 15.47
N ARG B 153 -7.07 5.65 15.77
CA ARG B 153 -8.54 5.65 15.56
C ARG B 153 -9.23 6.63 16.50
N PHE B 154 -8.79 6.58 17.75
CA PHE B 154 -9.32 7.41 18.87
C PHE B 154 -9.14 8.90 18.42
N ARG B 155 -7.90 9.26 18.02
CA ARG B 155 -7.63 10.63 17.48
C ARG B 155 -8.49 10.91 16.24
N THR B 156 -8.61 9.95 15.37
CA THR B 156 -9.40 10.21 14.17
C THR B 156 -10.81 10.57 14.52
N PHE B 157 -11.44 9.74 15.38
CA PHE B 157 -12.85 9.98 15.83
C PHE B 157 -13.01 11.29 16.61
N ILE B 158 -12.07 11.60 17.53
CA ILE B 158 -12.16 12.89 18.23
C ILE B 158 -12.08 14.01 17.16
N ALA B 159 -11.07 13.93 16.26
CA ALA B 159 -10.91 14.98 15.18
C ALA B 159 -12.13 15.14 14.29
N GLN B 160 -12.80 14.04 13.93
CA GLN B 160 -14.03 14.13 13.11
C GLN B 160 -15.11 14.85 13.87
N HIS B 161 -15.18 14.67 15.18
CA HIS B 161 -16.21 15.38 15.94
C HIS B 161 -15.99 16.90 15.92
N PHE B 162 -14.74 17.29 16.10
CA PHE B 162 -14.44 18.68 16.14
C PHE B 162 -14.16 19.32 14.73
N GLY B 163 -14.17 18.51 13.68
CA GLY B 163 -13.87 19.05 12.37
C GLY B 163 -12.45 19.66 12.22
N VAL B 164 -11.44 19.06 12.84
CA VAL B 164 -10.08 19.57 12.81
C VAL B 164 -9.13 18.47 12.31
N ASN B 165 -7.91 18.85 11.92
CA ASN B 165 -6.93 17.90 11.45
C ASN B 165 -6.64 16.85 12.60
N ALA B 166 -6.85 15.56 12.36
CA ALA B 166 -6.50 14.56 13.41
C ALA B 166 -5.04 14.67 13.92
N SER B 167 -4.10 15.16 13.11
CA SER B 167 -2.73 15.31 13.64
C SER B 167 -2.61 16.25 14.85
N ASP B 168 -3.61 17.11 15.03
CA ASP B 168 -3.57 18.03 16.11
C ASP B 168 -4.36 17.56 17.32
N VAL B 169 -4.74 16.29 17.31
CA VAL B 169 -5.40 15.73 18.46
C VAL B 169 -4.33 14.90 19.16
N SER B 170 -4.18 15.07 20.44
CA SER B 170 -3.25 14.28 21.23
C SER B 170 -4.13 13.28 22.00
N ALA B 171 -3.85 11.98 21.91
CA ALA B 171 -4.70 10.97 22.64
C ALA B 171 -4.05 9.60 22.70
N ASN B 172 -4.26 8.93 23.82
CA ASN B 172 -3.69 7.64 24.09
C ASN B 172 -4.74 6.64 24.42
N VAL B 173 -4.49 5.40 24.01
CA VAL B 173 -5.35 4.25 24.29
C VAL B 173 -4.30 3.33 24.89
N ILE B 174 -4.50 2.91 26.13
CA ILE B 174 -3.58 2.02 26.78
C ILE B 174 -4.31 0.72 27.15
N GLY B 175 -3.55 -0.18 27.79
CA GLY B 175 -4.11 -1.48 28.16
C GLY B 175 -3.95 -2.54 27.06
N GLY B 176 -4.80 -3.57 27.09
CA GLY B 176 -4.67 -4.64 26.12
C GLY B 176 -5.37 -4.37 24.81
N HIS B 177 -4.82 -4.89 23.70
CA HIS B 177 -5.48 -4.66 22.42
C HIS B 177 -6.66 -5.61 22.41
N GLY B 178 -7.72 -5.18 23.08
CA GLY B 178 -8.89 -5.99 23.16
C GLY B 178 -10.05 -5.08 23.45
N ASP B 179 -11.11 -5.68 23.93
CA ASP B 179 -12.31 -4.95 24.24
C ASP B 179 -12.00 -4.25 25.56
N GLY B 180 -10.98 -4.78 26.24
CA GLY B 180 -10.49 -4.20 27.49
C GLY B 180 -9.41 -3.10 27.26
N MET B 181 -9.40 -2.51 26.08
CA MET B 181 -8.45 -1.45 25.82
C MET B 181 -9.05 -0.20 26.48
N VAL B 182 -8.18 0.65 27.03
CA VAL B 182 -8.62 1.88 27.64
C VAL B 182 -8.32 3.18 26.89
N PRO B 183 -9.32 3.73 26.21
CA PRO B 183 -9.03 5.01 25.53
C PRO B 183 -9.00 6.05 26.69
N ALA B 184 -7.83 6.51 27.13
CA ALA B 184 -7.73 7.49 28.23
C ALA B 184 -8.26 8.91 27.90
N THR B 185 -9.56 9.11 28.05
CA THR B 185 -10.17 10.39 27.77
C THR B 185 -9.63 11.53 28.59
N SER B 186 -9.01 11.23 29.71
CA SER B 186 -8.48 12.33 30.51
C SER B 186 -7.14 12.79 29.89
N SER B 187 -6.59 12.03 28.95
CA SER B 187 -5.33 12.50 28.40
C SER B 187 -5.58 13.21 27.04
N VAL B 188 -6.84 13.38 26.66
CA VAL B 188 -7.16 13.96 25.37
C VAL B 188 -6.99 15.47 25.33
N SER B 189 -6.35 15.95 24.26
CA SER B 189 -6.20 17.41 24.07
C SER B 189 -6.33 17.71 22.55
N VAL B 190 -6.94 18.82 22.16
CA VAL B 190 -7.07 19.19 20.73
C VAL B 190 -6.45 20.60 20.67
N GLY B 191 -5.21 20.68 20.23
CA GLY B 191 -4.54 21.95 20.18
C GLY B 191 -4.39 22.56 21.57
N GLY B 192 -4.16 21.73 22.59
CA GLY B 192 -4.01 22.19 23.97
C GLY B 192 -5.31 22.20 24.81
N VAL B 193 -6.45 22.18 24.16
CA VAL B 193 -7.71 22.24 24.89
C VAL B 193 -8.23 20.89 25.36
N PRO B 194 -8.49 20.71 26.65
CA PRO B 194 -9.00 19.39 27.10
C PRO B 194 -10.47 19.13 26.96
N LEU B 195 -10.83 17.87 26.94
CA LEU B 195 -12.26 17.55 26.83
C LEU B 195 -13.20 18.23 27.89
N SER B 196 -12.74 18.35 29.15
CA SER B 196 -13.53 19.01 30.18
C SER B 196 -13.87 20.42 29.68
N SER B 197 -12.85 21.13 29.20
CA SER B 197 -13.09 22.48 28.70
C SER B 197 -14.08 22.51 27.56
N PHE B 198 -13.94 21.58 26.61
CA PHE B 198 -14.88 21.56 25.49
C PHE B 198 -16.26 21.24 26.04
N ILE B 199 -16.28 20.46 27.12
CA ILE B 199 -17.53 20.07 27.80
C ILE B 199 -18.22 21.35 28.28
N LYS B 200 -17.47 22.11 29.06
CA LYS B 200 -17.96 23.38 29.61
C LYS B 200 -18.31 24.42 28.52
N GLN B 201 -17.62 24.36 27.38
CA GLN B 201 -17.91 25.31 26.33
C GLN B 201 -19.09 24.82 25.51
N GLY B 202 -19.61 23.65 25.86
CA GLY B 202 -20.73 23.11 25.12
C GLY B 202 -20.37 22.73 23.69
N LEU B 203 -19.16 22.24 23.48
CA LEU B 203 -18.74 21.86 22.12
C LEU B 203 -18.75 20.35 21.89
N ILE B 204 -18.95 19.61 22.98
CA ILE B 204 -19.05 18.16 23.00
C ILE B 204 -19.74 17.79 24.36
N THR B 205 -20.70 16.85 24.29
CA THR B 205 -21.47 16.35 25.44
C THR B 205 -20.77 15.11 25.93
N GLN B 206 -21.07 14.66 27.15
CA GLN B 206 -20.39 13.45 27.67
C GLN B 206 -20.85 12.19 26.91
N GLU B 207 -22.08 12.25 26.40
CA GLU B 207 -22.64 11.14 25.64
C GLU B 207 -21.76 10.92 24.40
N GLN B 208 -21.48 12.01 23.66
CA GLN B 208 -20.64 12.01 22.47
C GLN B 208 -19.24 11.45 22.78
N ILE B 209 -18.67 11.81 23.93
CA ILE B 209 -17.37 11.31 24.31
C ILE B 209 -17.44 9.82 24.50
N ASP B 210 -18.53 9.37 25.13
CA ASP B 210 -18.76 7.95 25.39
C ASP B 210 -18.83 7.20 24.08
N GLU B 211 -19.63 7.73 23.17
CA GLU B 211 -19.78 7.10 21.88
C GLU B 211 -18.40 7.01 21.11
N ILE B 212 -17.52 7.99 21.33
CA ILE B 212 -16.25 8.00 20.67
C ILE B 212 -15.42 6.87 21.31
N VAL B 213 -15.47 6.81 22.62
CA VAL B 213 -14.74 5.75 23.32
C VAL B 213 -15.17 4.36 22.84
N CYS B 214 -16.48 4.19 22.69
CA CYS B 214 -17.04 2.91 22.26
C CYS B 214 -16.61 2.60 20.79
N HIS B 215 -16.81 3.57 19.88
CA HIS B 215 -16.40 3.47 18.46
C HIS B 215 -14.95 2.98 18.38
N THR B 216 -14.08 3.51 19.24
CA THR B 216 -12.68 3.07 19.29
C THR B 216 -12.49 1.60 19.60
N ARG B 217 -13.10 1.12 20.68
CA ARG B 217 -12.99 -0.30 21.07
C ARG B 217 -13.56 -1.30 20.07
N ILE B 218 -14.59 -0.91 19.34
CA ILE B 218 -15.18 -1.82 18.35
C ILE B 218 -14.89 -1.48 16.90
N ALA B 219 -14.03 -0.48 16.67
CA ALA B 219 -13.71 -0.05 15.33
C ALA B 219 -13.22 -1.19 14.43
N TRP B 220 -12.41 -2.11 14.96
CA TRP B 220 -11.90 -3.22 14.12
C TRP B 220 -12.99 -4.05 13.44
N LYS B 221 -14.12 -4.24 14.13
CA LYS B 221 -15.25 -5.05 13.62
C LYS B 221 -15.90 -4.32 12.51
N GLU B 222 -16.05 -3.02 12.69
CA GLU B 222 -16.63 -2.20 11.62
C GLU B 222 -15.88 -2.39 10.30
N VAL B 223 -14.55 -2.46 10.37
CA VAL B 223 -13.77 -2.61 9.16
C VAL B 223 -13.97 -4.01 8.70
N ALA B 224 -13.66 -4.98 9.54
CA ALA B 224 -13.85 -6.40 9.15
C ALA B 224 -15.23 -6.77 8.56
N ASP B 225 -16.32 -6.22 9.10
CA ASP B 225 -17.61 -6.56 8.56
C ASP B 225 -17.76 -6.01 7.16
N ASN B 226 -17.03 -4.96 6.84
CA ASN B 226 -17.16 -4.45 5.48
C ASN B 226 -16.19 -5.15 4.50
N LEU B 227 -14.97 -5.47 4.91
CA LEU B 227 -13.99 -6.16 4.02
C LEU B 227 -14.45 -7.57 3.60
N LYS B 228 -15.15 -8.29 4.48
CA LYS B 228 -15.61 -9.63 4.14
C LYS B 228 -14.45 -10.40 3.44
N THR B 229 -13.34 -10.56 4.16
CA THR B 229 -12.17 -11.21 3.59
C THR B 229 -11.21 -11.42 4.73
N GLY B 230 -11.16 -10.43 5.62
CA GLY B 230 -10.29 -10.54 6.77
C GLY B 230 -10.43 -9.28 7.60
N THR B 231 -9.39 -9.02 8.39
CA THR B 231 -9.42 -7.84 9.22
C THR B 231 -8.66 -6.62 8.62
N ALA B 232 -8.74 -5.43 9.25
CA ALA B 232 -8.07 -4.23 8.74
C ALA B 232 -6.59 -4.54 8.45
N TYR B 233 -5.97 -3.83 7.51
CA TYR B 233 -4.57 -4.15 7.19
C TYR B 233 -3.81 -2.97 6.65
N PHE B 234 -4.51 -1.97 6.13
CA PHE B 234 -3.86 -0.71 5.69
C PHE B 234 -3.31 0.07 6.88
N ALA B 235 -4.15 0.37 7.90
CA ALA B 235 -3.73 1.16 9.07
C ALA B 235 -2.82 0.37 9.99
N PRO B 236 -3.07 -0.94 10.15
CA PRO B 236 -2.12 -1.66 11.03
C PRO B 236 -0.70 -1.71 10.36
N ALA B 237 -0.63 -1.82 9.05
CA ALA B 237 0.73 -1.83 8.45
C ALA B 237 1.38 -0.47 8.66
N ALA B 238 0.64 0.61 8.44
CA ALA B 238 1.26 1.95 8.66
C ALA B 238 1.72 2.13 10.11
N ALA B 239 0.91 1.61 11.09
CA ALA B 239 1.30 1.79 12.48
C ALA B 239 2.61 1.11 12.73
N ALA B 240 2.80 -0.04 12.11
CA ALA B 240 4.07 -0.76 12.38
C ALA B 240 5.25 -0.03 11.72
N VAL B 241 4.98 0.63 10.57
CA VAL B 241 6.09 1.39 9.99
C VAL B 241 6.42 2.55 10.94
N LYS B 242 5.40 3.19 11.53
CA LYS B 242 5.76 4.29 12.44
C LYS B 242 6.67 3.82 13.60
N MET B 243 6.42 2.62 14.13
CA MET B 243 7.21 2.05 15.23
C MET B 243 8.61 1.76 14.70
N ALA B 244 8.71 1.19 13.49
CA ALA B 244 10.03 0.87 12.96
C ALA B 244 10.82 2.21 12.78
N GLU B 245 10.12 3.24 12.32
CA GLU B 245 10.78 4.54 12.18
C GLU B 245 11.35 5.12 13.46
N ALA B 246 10.58 5.05 14.52
CA ALA B 246 11.08 5.64 15.77
C ALA B 246 12.36 4.96 16.18
N TYR B 247 12.45 3.66 15.85
CA TYR B 247 13.60 2.88 16.21
C TYR B 247 14.75 3.24 15.33
N LEU B 248 14.60 3.08 14.02
CA LEU B 248 15.69 3.39 13.04
C LEU B 248 16.21 4.83 12.98
N LYS B 249 15.35 5.83 13.20
CA LYS B 249 15.77 7.23 13.23
C LYS B 249 16.11 7.72 14.67
N ASP B 250 15.92 6.83 15.68
CA ASP B 250 16.24 7.14 17.09
C ASP B 250 15.48 8.36 17.48
N LYS B 251 14.20 8.36 17.21
CA LYS B 251 13.39 9.52 17.50
C LYS B 251 13.12 9.96 18.92
N LYS B 252 13.12 9.00 19.84
CA LYS B 252 12.75 9.26 21.27
C LYS B 252 11.27 9.69 21.14
N ALA B 253 10.53 8.95 20.34
CA ALA B 253 9.13 9.28 20.09
C ALA B 253 8.22 8.54 21.11
N VAL B 254 7.07 9.15 21.37
CA VAL B 254 6.10 8.63 22.24
C VAL B 254 5.32 7.63 21.44
N VAL B 255 5.44 6.34 21.75
CA VAL B 255 4.72 5.34 21.03
C VAL B 255 3.93 4.42 22.01
N PRO B 256 2.61 4.53 21.97
CA PRO B 256 1.73 3.71 22.81
C PRO B 256 1.80 2.32 22.22
N CYS B 257 2.52 1.41 22.87
CA CYS B 257 2.58 0.04 22.40
C CYS B 257 2.58 -0.97 23.58
N SER B 258 2.62 -2.26 23.23
CA SER B 258 2.58 -3.31 24.21
C SER B 258 4.00 -3.57 24.60
N ALA B 259 4.40 -3.08 25.78
CA ALA B 259 5.80 -3.21 26.23
C ALA B 259 5.93 -3.82 27.61
N PHE B 260 7.14 -4.20 27.97
CA PHE B 260 7.38 -4.80 29.27
C PHE B 260 7.37 -3.74 30.36
N CYS B 261 6.20 -3.58 30.96
CA CYS B 261 5.96 -2.60 32.00
C CYS B 261 6.33 -3.19 33.37
N SER B 262 7.23 -2.58 34.11
CA SER B 262 7.55 -3.24 35.39
C SER B 262 7.69 -2.39 36.63
N ASN B 263 7.30 -1.11 36.54
CA ASN B 263 7.35 -0.20 37.69
C ASN B 263 6.45 1.02 37.45
N HIS B 264 5.36 0.84 36.72
CA HIS B 264 4.43 1.92 36.41
C HIS B 264 3.11 1.25 36.36
N TYR B 265 2.07 2.06 36.45
CA TYR B 265 0.71 1.56 36.39
C TYR B 265 0.44 0.43 37.42
N GLY B 266 1.28 0.34 38.44
CA GLY B 266 1.07 -0.66 39.45
C GLY B 266 1.11 -2.11 39.01
N VAL B 267 2.16 -2.45 38.27
CA VAL B 267 2.38 -3.81 37.83
C VAL B 267 3.86 -3.93 37.96
N LYS B 268 4.29 -5.17 38.08
CA LYS B 268 5.70 -5.41 38.38
C LYS B 268 6.52 -6.11 37.31
N GLY B 269 5.90 -6.33 36.16
CA GLY B 269 6.63 -6.98 35.08
C GLY B 269 5.71 -7.69 34.14
N ILE B 270 4.91 -6.96 33.38
CA ILE B 270 3.99 -7.56 32.41
C ILE B 270 4.03 -6.79 31.02
N TYR B 271 3.54 -7.44 29.97
CA TYR B 271 3.46 -6.84 28.64
C TYR B 271 2.08 -6.30 28.47
N MET B 272 1.96 -4.97 28.29
CA MET B 272 0.65 -4.34 28.10
C MET B 272 0.76 -2.97 27.36
N GLY B 273 -0.41 -2.46 26.96
CA GLY B 273 -0.48 -1.19 26.29
C GLY B 273 -0.11 0.02 27.13
N VAL B 274 1.06 0.60 26.91
CA VAL B 274 1.50 1.81 27.63
C VAL B 274 2.23 2.85 26.68
N PRO B 275 2.35 4.11 27.12
CA PRO B 275 3.01 5.14 26.30
C PRO B 275 4.50 4.97 26.49
N THR B 276 5.26 4.50 25.48
CA THR B 276 6.71 4.32 25.65
C THR B 276 7.46 5.43 24.89
N ILE B 277 8.79 5.43 25.05
CA ILE B 277 9.70 6.31 24.37
C ILE B 277 10.56 5.28 23.62
N ILE B 278 10.54 5.31 22.28
CA ILE B 278 11.35 4.37 21.47
C ILE B 278 12.47 5.15 20.79
N GLY B 279 13.64 4.53 20.75
CA GLY B 279 14.79 5.14 20.12
C GLY B 279 15.71 4.01 19.70
N LYS B 280 16.97 4.32 19.43
CA LYS B 280 17.89 3.30 18.95
C LYS B 280 18.14 2.14 19.95
N ASN B 281 17.59 2.22 21.17
CA ASN B 281 17.78 1.17 22.18
C ASN B 281 16.50 0.45 22.47
N GLY B 282 15.54 0.64 21.58
CA GLY B 282 14.26 -0.03 21.68
C GLY B 282 13.39 0.81 22.54
N VAL B 283 12.57 0.14 23.33
CA VAL B 283 11.70 0.80 24.28
C VAL B 283 12.63 1.32 25.39
N GLU B 284 12.87 2.63 25.44
CA GLU B 284 13.78 3.28 26.37
C GLU B 284 13.07 3.86 27.62
N ASP B 285 11.75 3.89 27.63
CA ASP B 285 11.08 4.46 28.79
C ASP B 285 9.61 4.29 28.71
N ILE B 286 8.91 4.46 29.83
CA ILE B 286 7.47 4.37 29.82
C ILE B 286 6.97 5.61 30.54
N LEU B 287 5.96 6.30 30.01
CA LEU B 287 5.46 7.50 30.66
C LEU B 287 4.28 7.11 31.52
N GLU B 288 4.05 7.88 32.57
CA GLU B 288 2.97 7.59 33.47
C GLU B 288 1.86 8.60 33.32
N LEU B 289 0.76 8.20 32.71
CA LEU B 289 -0.40 9.04 32.51
C LEU B 289 -1.19 9.29 33.80
N ASP B 290 -1.78 10.47 33.86
CA ASP B 290 -2.57 10.93 34.98
C ASP B 290 -4.00 10.28 34.90
N LEU B 291 -4.15 8.97 35.11
CA LEU B 291 -5.49 8.32 35.04
C LEU B 291 -6.52 8.66 36.16
N THR B 292 -7.79 8.66 35.79
CA THR B 292 -8.82 8.92 36.76
C THR B 292 -9.04 7.58 37.45
N PRO B 293 -9.70 7.60 38.64
CA PRO B 293 -9.99 6.33 39.38
C PRO B 293 -10.70 5.29 38.48
N LEU B 294 -11.65 5.75 37.67
CA LEU B 294 -12.34 4.84 36.79
C LEU B 294 -11.39 4.14 35.79
N GLU B 295 -10.55 4.96 35.13
CA GLU B 295 -9.60 4.48 34.13
C GLU B 295 -8.63 3.51 34.80
N GLN B 296 -8.26 3.82 36.04
CA GLN B 296 -7.36 2.94 36.78
C GLN B 296 -8.04 1.58 36.94
N LYS B 297 -9.34 1.58 37.19
CA LYS B 297 -10.12 0.35 37.35
C LYS B 297 -10.21 -0.33 35.98
N LEU B 298 -10.67 0.41 34.99
CA LEU B 298 -10.74 -0.12 33.63
C LEU B 298 -9.41 -0.81 33.20
N LEU B 299 -8.27 -0.15 33.47
CA LEU B 299 -6.95 -0.70 33.13
C LEU B 299 -6.78 -1.98 33.94
N GLY B 300 -7.33 -1.95 35.16
CA GLY B 300 -7.27 -3.10 36.08
C GLY B 300 -7.82 -4.35 35.44
N GLU B 301 -9.07 -4.25 35.00
CA GLU B 301 -9.71 -5.38 34.33
C GLU B 301 -8.88 -5.87 33.14
N SER B 302 -8.40 -4.90 32.35
CA SER B 302 -7.58 -5.19 31.18
C SER B 302 -6.37 -6.00 31.55
N ILE B 303 -5.67 -5.56 32.60
CA ILE B 303 -4.47 -6.26 33.06
C ILE B 303 -4.71 -7.73 33.47
N ASN B 304 -5.91 -8.02 34.00
CA ASN B 304 -6.16 -9.40 34.45
C ASN B 304 -6.31 -10.34 33.27
N GLU B 305 -7.12 -9.87 32.31
CA GLU B 305 -7.40 -10.61 31.08
C GLU B 305 -6.11 -10.99 30.40
N VAL B 306 -5.07 -10.20 30.59
CA VAL B 306 -3.82 -10.56 29.94
C VAL B 306 -3.26 -11.77 30.63
N ASN B 307 -3.06 -11.66 31.95
CA ASN B 307 -2.52 -12.77 32.76
C ASN B 307 -3.39 -14.02 32.64
N THR B 308 -4.71 -13.82 32.62
CA THR B 308 -5.66 -14.94 32.46
C THR B 308 -5.20 -15.79 31.26
N ILE B 309 -5.47 -15.26 30.06
CA ILE B 309 -5.14 -15.91 28.79
C ILE B 309 -3.68 -16.27 28.75
N SER B 310 -2.87 -15.53 29.48
CA SER B 310 -1.46 -15.85 29.47
C SER B 310 -1.20 -17.18 30.17
N LYS B 311 -2.03 -17.51 31.16
CA LYS B 311 -1.88 -18.79 31.90
C LYS B 311 -2.46 -19.91 31.02
N VAL B 312 -3.63 -19.67 30.42
CA VAL B 312 -4.23 -20.65 29.54
C VAL B 312 -3.14 -21.17 28.60
N LEU B 313 -2.22 -20.30 28.21
CA LEU B 313 -1.15 -20.72 27.29
C LEU B 313 0.08 -21.27 27.98
N ASP B 314 0.27 -20.92 29.24
CA ASP B 314 1.42 -21.44 29.95
C ASP B 314 1.26 -22.95 30.19
N ASN B 315 0.01 -23.41 30.14
CA ASN B 315 -0.29 -24.83 30.34
C ASN B 315 -0.37 -25.58 29.00
N ALA B 316 -1.59 -25.79 28.50
CA ALA B 316 -1.78 -26.53 27.25
C ALA B 316 -1.24 -27.94 27.53
N PRO B 317 -1.10 -28.80 26.49
CA PRO B 317 -0.56 -30.12 26.86
C PRO B 317 0.90 -29.96 27.32
#